data_4UD0
#
_entry.id   4UD0
#
_cell.length_a   75.610
_cell.length_b   75.610
_cell.length_c   187.950
_cell.angle_alpha   90.00
_cell.angle_beta   90.00
_cell.angle_gamma   120.00
#
_symmetry.space_group_name_H-M   'P 31 2 1'
#
loop_
_entity.id
_entity.type
_entity.pdbx_description
1 polymer 'RNA-DIRECTED RNA POLYMERASE L'
2 non-polymer 'SULFATE ION'
3 non-polymer 'ZINC ION'
4 non-polymer S-ADENOSYL-L-HOMOCYSTEINE
5 water water
#
_entity_poly.entity_id   1
_entity_poly.type   'polypeptide(L)'
_entity_poly.pdbx_seq_one_letter_code
;MALLTPIPSPMVNLTQVIDPTEQLAYFPKITFERLKNYDTSSNYAKGKLTRNYMILLPWQHVNRYNFVFSSTGCKVSLKT
CIGKLMKDLNPKVLYFIGEGAGNWMARTACEYPDIKFVYRSLKDDLDHHYPLEYQRVIGELSRIIDSGEGLSMETTDATQ
KTHWDLIHRVSKDALLITLCDAEFKDRDDFFKMVILWRKHVLSCRICTTYGTDLYLFAKYHAKDCNVKLPFFVRSVATFI
MQGSKLSGSECYILLTLGHHNNLPCHGEIQNSKMKIAVANDFYAAKKLDNKSIEANCKSLLSGLRIPINKKELNRQRRLL
TLQSNHSSVATVGGSKVIESKWLTNKANTIIDWLEHILNSPKGELNYDFFEALENTYPNMIKLIDNLGNAEIKKLIKVTG
YMLVSKKSGHHHHHH
;
_entity_poly.pdbx_strand_id   B
#
loop_
_chem_comp.id
_chem_comp.type
_chem_comp.name
_chem_comp.formula
SAH non-polymer S-ADENOSYL-L-HOMOCYSTEINE 'C14 H20 N6 O5 S'
SO4 non-polymer 'SULFATE ION' 'O4 S -2'
ZN non-polymer 'ZINC ION' 'Zn 2'
#
# COMPACT_ATOMS: atom_id res chain seq x y z
N ILE A 18 18.28 -8.09 11.79
CA ILE A 18 18.40 -6.67 11.46
C ILE A 18 18.80 -6.45 9.96
N ASP A 19 19.31 -7.53 9.29
CA ASP A 19 19.72 -7.54 7.89
C ASP A 19 18.53 -7.19 6.97
N PRO A 20 18.65 -6.19 6.07
CA PRO A 20 17.51 -5.79 5.23
C PRO A 20 17.03 -6.87 4.26
N THR A 21 17.96 -7.50 3.51
CA THR A 21 17.65 -8.53 2.53
C THR A 21 16.95 -9.77 3.13
N GLU A 22 17.19 -10.05 4.43
CA GLU A 22 16.59 -11.18 5.15
C GLU A 22 15.16 -10.87 5.60
N GLN A 23 14.81 -9.57 5.71
CA GLN A 23 13.48 -9.11 6.12
C GLN A 23 12.46 -9.14 4.97
N LEU A 24 12.95 -9.19 3.73
CA LEU A 24 12.14 -9.24 2.51
C LEU A 24 11.37 -10.57 2.40
N ALA A 25 11.81 -11.61 3.13
CA ALA A 25 11.17 -12.94 3.15
C ALA A 25 9.76 -12.86 3.76
N TYR A 26 9.50 -11.82 4.59
CA TYR A 26 8.21 -11.56 5.23
C TYR A 26 7.28 -10.74 4.31
N PHE A 27 7.79 -10.31 3.15
CA PHE A 27 7.05 -9.56 2.13
C PHE A 27 6.59 -10.49 0.99
N PRO A 28 5.34 -10.31 0.49
CA PRO A 28 4.86 -11.22 -0.57
C PRO A 28 5.17 -10.78 -2.01
N LYS A 29 5.28 -11.77 -2.93
CA LYS A 29 5.55 -11.55 -4.35
C LYS A 29 4.41 -10.74 -4.97
N ILE A 30 4.78 -9.59 -5.60
CA ILE A 30 3.82 -8.66 -6.18
C ILE A 30 3.56 -8.93 -7.67
N THR A 31 2.26 -8.97 -8.03
CA THR A 31 1.76 -9.15 -9.39
C THR A 31 1.08 -7.85 -9.80
N PHE A 32 1.39 -7.35 -11.00
CA PHE A 32 0.80 -6.10 -11.49
C PHE A 32 0.62 -6.13 -12.99
N GLU A 33 0.01 -5.08 -13.55
CA GLU A 33 -0.18 -4.92 -14.99
C GLU A 33 0.08 -3.48 -15.43
N ARG A 34 0.60 -3.32 -16.67
CA ARG A 34 0.93 -2.02 -17.23
C ARG A 34 -0.02 -1.57 -18.34
N LEU A 35 0.00 -0.26 -18.62
CA LEU A 35 -0.78 0.44 -19.64
C LEU A 35 0.17 1.36 -20.41
N THR A 50 -15.85 -9.79 -19.48
CA THR A 50 -17.21 -9.63 -18.98
C THR A 50 -17.42 -10.29 -17.60
N ARG A 51 -16.47 -11.14 -17.15
CA ARG A 51 -16.54 -11.84 -15.86
C ARG A 51 -16.16 -10.96 -14.69
N ASN A 52 -17.07 -10.85 -13.70
CA ASN A 52 -16.88 -10.06 -12.48
C ASN A 52 -17.11 -10.93 -11.22
N TYR A 53 -16.52 -10.54 -10.07
CA TYR A 53 -16.57 -11.33 -8.84
C TYR A 53 -17.65 -11.01 -7.82
N MET A 54 -17.95 -9.71 -7.54
CA MET A 54 -18.98 -9.32 -6.56
C MET A 54 -18.65 -9.86 -5.14
N ILE A 55 -17.66 -9.23 -4.48
CA ILE A 55 -17.23 -9.57 -3.11
C ILE A 55 -17.45 -8.35 -2.19
N LEU A 56 -17.53 -8.58 -0.87
CA LEU A 56 -17.78 -7.52 0.10
C LEU A 56 -16.61 -7.22 1.03
N LEU A 57 -15.70 -8.18 1.19
CA LEU A 57 -14.56 -8.06 2.09
C LEU A 57 -13.28 -7.57 1.39
N PRO A 58 -12.37 -6.85 2.11
CA PRO A 58 -11.13 -6.41 1.47
C PRO A 58 -10.11 -7.56 1.40
N TRP A 59 -10.30 -8.46 0.41
CA TRP A 59 -9.47 -9.66 0.23
C TRP A 59 -8.04 -9.37 -0.16
N GLN A 60 -7.73 -8.15 -0.67
CA GLN A 60 -6.36 -7.73 -1.05
C GLN A 60 -5.39 -7.71 0.15
N HIS A 61 -5.95 -7.90 1.36
CA HIS A 61 -5.25 -7.96 2.64
C HIS A 61 -4.87 -9.40 3.10
N VAL A 62 -5.22 -10.47 2.32
CA VAL A 62 -4.93 -11.87 2.68
C VAL A 62 -3.45 -12.15 2.95
N ASN A 63 -2.54 -11.66 2.08
CA ASN A 63 -1.10 -11.90 2.18
C ASN A 63 -0.34 -10.84 2.98
N ARG A 64 -1.06 -10.04 3.77
CA ARG A 64 -0.47 -8.97 4.57
C ARG A 64 -0.49 -9.26 6.07
N TYR A 65 -0.58 -10.55 6.46
CA TYR A 65 -0.63 -11.01 7.85
C TYR A 65 0.58 -10.63 8.69
N ASN A 66 1.77 -10.48 8.04
CA ASN A 66 3.05 -10.14 8.69
C ASN A 66 3.24 -8.64 9.00
N PHE A 67 2.21 -7.81 8.77
CA PHE A 67 2.30 -6.36 8.98
C PHE A 67 1.18 -5.87 9.85
N VAL A 68 1.40 -4.78 10.61
CA VAL A 68 0.39 -4.32 11.55
C VAL A 68 -0.04 -2.82 11.37
N PHE A 69 0.87 -1.83 11.49
CA PHE A 69 0.49 -0.41 11.39
C PHE A 69 0.17 0.03 9.96
N SER A 70 0.99 -0.38 8.99
CA SER A 70 0.77 -0.12 7.58
C SER A 70 0.83 -1.42 6.80
N SER A 71 0.21 -1.43 5.64
CA SER A 71 0.05 -2.63 4.83
C SER A 71 0.42 -2.46 3.36
N THR A 72 0.43 -1.20 2.85
CA THR A 72 0.66 -0.75 1.46
C THR A 72 1.94 -1.33 0.82
N GLY A 73 2.95 -1.65 1.63
CA GLY A 73 4.20 -2.25 1.15
C GLY A 73 4.02 -3.55 0.40
N CYS A 74 2.89 -4.25 0.64
CA CYS A 74 2.52 -5.53 0.01
C CYS A 74 1.84 -5.40 -1.35
N LYS A 75 1.31 -4.20 -1.71
CA LYS A 75 0.62 -4.03 -3.00
C LYS A 75 1.51 -3.39 -4.05
N VAL A 76 2.45 -2.52 -3.62
CA VAL A 76 3.38 -1.82 -4.50
C VAL A 76 4.84 -2.02 -4.03
N SER A 77 5.78 -2.24 -4.98
CA SER A 77 7.22 -2.44 -4.76
C SER A 77 8.02 -1.75 -5.86
N LEU A 78 9.09 -1.04 -5.49
CA LEU A 78 9.93 -0.33 -6.46
C LEU A 78 10.78 -1.27 -7.32
N LYS A 79 11.43 -2.30 -6.70
CA LYS A 79 12.27 -3.27 -7.42
C LYS A 79 11.50 -4.05 -8.48
N THR A 80 10.19 -4.30 -8.25
CA THR A 80 9.39 -5.05 -9.22
C THR A 80 8.77 -4.13 -10.29
N CYS A 81 8.13 -3.02 -9.88
CA CYS A 81 7.43 -2.07 -10.78
C CYS A 81 8.37 -1.19 -11.61
N ILE A 82 9.27 -0.44 -10.94
CA ILE A 82 10.21 0.49 -11.60
C ILE A 82 11.69 0.13 -11.30
N GLY A 83 11.99 -1.17 -11.26
CA GLY A 83 13.31 -1.72 -10.98
C GLY A 83 14.41 -1.29 -11.94
N LYS A 84 14.09 -1.23 -13.26
CA LYS A 84 15.02 -0.82 -14.32
C LYS A 84 15.30 0.67 -14.23
N LEU A 85 14.34 1.47 -13.72
CA LEU A 85 14.48 2.92 -13.56
C LEU A 85 15.45 3.23 -12.40
N MET A 86 15.41 2.40 -11.34
CA MET A 86 16.27 2.52 -10.14
C MET A 86 17.73 2.17 -10.47
N LYS A 87 17.92 1.36 -11.54
CA LYS A 87 19.20 0.94 -12.08
C LYS A 87 19.77 2.09 -12.92
N ASP A 88 18.96 2.63 -13.87
CA ASP A 88 19.29 3.73 -14.79
C ASP A 88 19.79 4.98 -14.07
N LEU A 89 19.00 5.48 -13.12
CA LEU A 89 19.40 6.60 -12.29
C LEU A 89 19.53 6.01 -10.93
N ASN A 90 20.75 5.87 -10.43
CA ASN A 90 21.01 5.26 -9.14
C ASN A 90 20.76 6.33 -8.08
N PRO A 91 19.59 6.34 -7.42
CA PRO A 91 19.37 7.37 -6.40
C PRO A 91 20.01 6.96 -5.09
N LYS A 92 20.68 7.90 -4.42
CA LYS A 92 21.31 7.61 -3.13
C LYS A 92 20.31 7.94 -2.05
N VAL A 93 19.38 8.85 -2.36
CA VAL A 93 18.29 9.29 -1.48
C VAL A 93 16.97 9.22 -2.23
N LEU A 94 15.93 8.71 -1.54
CA LEU A 94 14.59 8.61 -2.05
C LEU A 94 13.65 9.50 -1.25
N TYR A 95 12.81 10.22 -1.96
CA TYR A 95 11.87 11.14 -1.36
C TYR A 95 10.47 10.53 -1.31
N PHE A 96 10.00 10.22 -0.09
CA PHE A 96 8.71 9.61 0.17
C PHE A 96 7.73 10.61 0.81
N ILE A 97 6.66 10.94 0.08
CA ILE A 97 5.63 11.87 0.53
C ILE A 97 4.29 11.12 0.74
N GLY A 98 3.51 11.57 1.72
CA GLY A 98 2.23 10.98 2.15
C GLY A 98 2.37 9.51 2.49
N GLU A 99 3.41 9.17 3.28
CA GLU A 99 3.84 7.81 3.60
C GLU A 99 3.27 7.11 4.83
N GLY A 100 2.33 7.72 5.57
CA GLY A 100 1.71 7.10 6.74
C GLY A 100 2.68 6.33 7.62
N ALA A 101 2.40 5.04 7.91
CA ALA A 101 3.27 4.24 8.78
C ALA A 101 4.62 3.79 8.14
N GLY A 102 4.83 4.10 6.86
CA GLY A 102 6.06 3.81 6.13
C GLY A 102 6.38 2.38 5.76
N ASN A 103 5.37 1.57 5.41
CA ASN A 103 5.60 0.17 5.00
C ASN A 103 6.19 0.06 3.58
N TRP A 104 5.76 0.94 2.65
CA TRP A 104 6.26 0.97 1.28
C TRP A 104 7.75 1.31 1.33
N MET A 105 8.10 2.33 2.15
CA MET A 105 9.47 2.79 2.38
C MET A 105 10.28 1.65 3.01
N ALA A 106 9.64 0.87 3.91
CA ALA A 106 10.24 -0.27 4.60
C ALA A 106 10.67 -1.38 3.63
N ARG A 107 9.78 -1.75 2.66
CA ARG A 107 10.10 -2.77 1.66
C ARG A 107 11.23 -2.28 0.76
N THR A 108 11.21 -0.97 0.43
CA THR A 108 12.24 -0.33 -0.39
C THR A 108 13.60 -0.42 0.29
N ALA A 109 13.62 -0.28 1.64
CA ALA A 109 14.83 -0.40 2.46
C ALA A 109 15.41 -1.80 2.41
N CYS A 110 14.56 -2.83 2.25
CA CYS A 110 14.97 -4.22 2.16
C CYS A 110 15.44 -4.52 0.75
N GLU A 111 14.72 -4.00 -0.28
CA GLU A 111 15.02 -4.20 -1.71
C GLU A 111 16.33 -3.55 -2.15
N TYR A 112 16.65 -2.41 -1.55
CA TYR A 112 17.85 -1.62 -1.85
C TYR A 112 18.48 -1.27 -0.49
N PRO A 113 19.33 -2.16 0.09
CA PRO A 113 19.83 -1.91 1.47
C PRO A 113 20.84 -0.78 1.66
N ASP A 114 21.18 -0.03 0.59
CA ASP A 114 22.13 1.08 0.68
C ASP A 114 21.52 2.45 0.32
N ILE A 115 20.19 2.58 0.38
CA ILE A 115 19.52 3.83 0.01
C ILE A 115 19.00 4.55 1.24
N LYS A 116 19.26 5.86 1.33
CA LYS A 116 18.78 6.69 2.41
C LYS A 116 17.43 7.30 2.01
N PHE A 117 16.64 7.78 2.99
CA PHE A 117 15.31 8.29 2.74
C PHE A 117 14.99 9.63 3.35
N VAL A 118 14.08 10.37 2.70
CA VAL A 118 13.51 11.63 3.18
C VAL A 118 12.02 11.30 3.28
N TYR A 119 11.45 11.51 4.48
CA TYR A 119 10.06 11.17 4.78
C TYR A 119 9.18 12.36 5.11
N ARG A 120 7.98 12.37 4.51
CA ARG A 120 6.93 13.36 4.71
C ARG A 120 5.61 12.65 4.63
N SER A 121 4.69 12.97 5.55
CA SER A 121 3.33 12.45 5.63
C SER A 121 2.53 13.48 6.42
N LEU A 122 1.26 13.71 6.05
CA LEU A 122 0.41 14.73 6.69
C LEU A 122 0.33 14.58 8.20
N LYS A 123 0.62 15.69 8.90
CA LYS A 123 0.61 15.75 10.35
C LYS A 123 -0.81 16.08 10.83
N ASP A 124 -1.49 15.07 11.38
CA ASP A 124 -2.83 15.15 11.96
C ASP A 124 -3.06 14.00 12.93
N ASP A 125 -4.13 14.10 13.74
CA ASP A 125 -4.48 13.07 14.73
C ASP A 125 -4.97 11.76 14.07
N LEU A 126 -5.83 11.88 13.03
CA LEU A 126 -6.48 10.77 12.31
C LEU A 126 -5.54 9.79 11.57
N ASP A 127 -4.33 10.22 11.16
CA ASP A 127 -3.39 9.35 10.42
C ASP A 127 -1.99 9.30 11.03
N HIS A 128 -1.21 8.26 10.65
CA HIS A 128 0.18 8.08 11.07
C HIS A 128 1.03 9.13 10.36
N HIS A 129 1.88 9.82 11.12
CA HIS A 129 2.79 10.85 10.61
C HIS A 129 4.23 10.55 11.01
N TYR A 130 4.45 9.30 11.47
CA TYR A 130 5.75 8.76 11.88
C TYR A 130 5.91 7.36 11.25
N PRO A 131 7.10 6.98 10.73
CA PRO A 131 7.25 5.65 10.10
C PRO A 131 7.36 4.49 11.09
N LEU A 132 6.26 4.25 11.81
CA LEU A 132 6.02 3.25 12.84
C LEU A 132 6.21 1.82 12.36
N GLU A 133 5.94 1.54 11.07
CA GLU A 133 6.09 0.23 10.46
C GLU A 133 7.53 0.04 9.98
N TYR A 134 8.18 1.14 9.50
CA TYR A 134 9.57 1.12 9.07
C TYR A 134 10.40 0.77 10.30
N GLN A 135 10.19 1.53 11.41
CA GLN A 135 10.81 1.37 12.72
C GLN A 135 10.67 -0.08 13.21
N ARG A 136 9.54 -0.71 12.88
CA ARG A 136 9.24 -2.07 13.28
C ARG A 136 10.01 -3.14 12.48
N VAL A 137 9.96 -3.11 11.13
CA VAL A 137 10.61 -4.11 10.28
C VAL A 137 12.13 -3.88 10.12
N ILE A 138 12.57 -2.61 10.11
CA ILE A 138 13.98 -2.24 9.93
C ILE A 138 14.73 -2.19 11.27
N GLY A 139 14.10 -1.66 12.32
CA GLY A 139 14.68 -1.58 13.65
C GLY A 139 14.87 -0.17 14.19
N GLU A 140 15.43 0.72 13.36
CA GLU A 140 15.70 2.12 13.72
C GLU A 140 15.58 3.06 12.51
N LEU A 141 15.45 4.37 12.79
CA LEU A 141 15.29 5.42 11.79
C LEU A 141 16.63 6.05 11.31
N SER A 142 17.72 5.27 11.38
CA SER A 142 19.07 5.71 10.97
C SER A 142 19.17 6.04 9.47
N ARG A 143 18.55 5.21 8.61
CA ARG A 143 18.57 5.39 7.16
C ARG A 143 17.68 6.53 6.68
N ILE A 144 16.71 6.94 7.51
CA ILE A 144 15.85 8.07 7.20
C ILE A 144 16.57 9.29 7.75
N ILE A 145 17.33 9.97 6.87
CA ILE A 145 18.13 11.16 7.20
C ILE A 145 17.24 12.33 7.65
N ASP A 146 16.04 12.44 7.09
CA ASP A 146 15.07 13.50 7.40
C ASP A 146 13.68 12.87 7.52
N SER A 147 13.26 12.56 8.75
CA SER A 147 11.97 11.96 9.06
C SER A 147 10.86 13.02 9.12
N GLY A 148 11.26 14.28 9.01
CA GLY A 148 10.35 15.41 9.07
C GLY A 148 10.00 15.84 10.49
N GLU A 149 10.74 15.31 11.51
CA GLU A 149 10.53 15.63 12.93
C GLU A 149 10.72 17.13 13.21
N GLY A 150 9.67 17.75 13.74
CA GLY A 150 9.64 19.18 14.05
C GLY A 150 9.23 20.02 12.86
N LEU A 151 8.09 19.67 12.25
CA LEU A 151 7.51 20.39 11.11
C LEU A 151 6.05 20.70 11.36
N SER A 152 5.58 21.84 10.82
CA SER A 152 4.19 22.30 10.92
C SER A 152 3.25 21.46 10.06
N MET A 153 1.93 21.57 10.29
CA MET A 153 0.88 20.88 9.50
C MET A 153 1.00 21.25 8.01
N GLU A 154 1.41 22.49 7.73
CA GLU A 154 1.58 23.06 6.39
C GLU A 154 2.78 22.47 5.65
N THR A 155 3.93 22.31 6.33
CA THR A 155 5.16 21.79 5.71
C THR A 155 5.13 20.25 5.55
N THR A 156 4.06 19.59 6.00
CA THR A 156 3.88 18.14 5.85
C THR A 156 2.86 17.81 4.74
N ASP A 157 2.01 18.80 4.35
CA ASP A 157 0.99 18.69 3.31
C ASP A 157 1.62 18.87 1.93
N ALA A 158 1.53 17.83 1.06
CA ALA A 158 2.07 17.83 -0.29
C ALA A 158 1.42 18.86 -1.22
N THR A 159 0.19 19.32 -0.89
CA THR A 159 -0.57 20.30 -1.65
C THR A 159 -0.19 21.76 -1.30
N GLN A 160 0.79 21.93 -0.37
CA GLN A 160 1.29 23.23 0.11
C GLN A 160 2.71 23.50 -0.38
N LYS A 161 2.95 24.72 -0.92
CA LYS A 161 4.24 25.16 -1.47
C LYS A 161 5.42 25.04 -0.49
N THR A 162 5.21 25.41 0.78
CA THR A 162 6.22 25.38 1.85
C THR A 162 6.76 23.96 2.14
N HIS A 163 5.97 22.90 1.83
CA HIS A 163 6.34 21.49 2.01
C HIS A 163 7.53 21.15 1.11
N TRP A 164 7.41 21.51 -0.18
CA TRP A 164 8.42 21.29 -1.22
C TRP A 164 9.58 22.26 -1.08
N ASP A 165 9.39 23.38 -0.36
CA ASP A 165 10.45 24.35 -0.12
C ASP A 165 11.42 23.82 0.92
N LEU A 166 10.88 23.20 1.98
CA LEU A 166 11.64 22.62 3.07
C LEU A 166 12.02 21.13 2.83
N ILE A 167 11.91 20.64 1.58
CA ILE A 167 12.22 19.25 1.26
C ILE A 167 13.72 18.97 1.30
N HIS A 168 14.53 20.00 0.99
CA HIS A 168 15.99 19.91 0.99
C HIS A 168 16.62 20.42 2.29
N ARG A 169 15.79 20.64 3.34
CA ARG A 169 16.24 21.12 4.66
C ARG A 169 17.37 20.27 5.26
N VAL A 170 17.54 19.03 4.78
CA VAL A 170 18.59 18.11 5.23
C VAL A 170 19.27 17.53 3.99
N SER A 171 18.52 16.77 3.17
CA SER A 171 19.08 16.13 1.99
C SER A 171 19.21 17.09 0.83
N LYS A 172 20.48 17.35 0.44
CA LYS A 172 20.82 18.25 -0.66
C LYS A 172 20.97 17.44 -1.98
N ASP A 173 20.30 16.27 -2.04
CA ASP A 173 20.25 15.34 -3.17
C ASP A 173 18.97 15.58 -3.96
N ALA A 174 19.09 15.62 -5.29
CA ALA A 174 17.97 15.85 -6.21
C ALA A 174 16.84 14.82 -6.09
N LEU A 175 15.61 15.25 -6.43
CA LEU A 175 14.41 14.42 -6.41
C LEU A 175 14.33 13.60 -7.69
N LEU A 176 15.28 12.66 -7.85
CA LEU A 176 15.43 11.74 -8.98
C LEU A 176 14.18 10.88 -9.10
N ILE A 177 13.78 10.25 -7.98
CA ILE A 177 12.57 9.43 -7.85
C ILE A 177 11.85 9.87 -6.56
N THR A 178 10.62 10.40 -6.72
CA THR A 178 9.77 10.86 -5.62
C THR A 178 8.52 9.98 -5.57
N LEU A 179 8.30 9.34 -4.43
CA LEU A 179 7.19 8.42 -4.22
C LEU A 179 6.08 9.08 -3.42
N CYS A 180 4.84 9.00 -3.93
CA CYS A 180 3.66 9.57 -3.29
C CYS A 180 2.58 8.51 -3.15
N ASP A 181 2.04 8.33 -1.93
CA ASP A 181 0.94 7.39 -1.67
C ASP A 181 -0.18 8.09 -0.89
N ALA A 182 -0.12 9.43 -0.83
CA ALA A 182 -1.08 10.27 -0.14
C ALA A 182 -2.52 9.93 -0.53
N GLU A 183 -3.38 9.76 0.49
CA GLU A 183 -4.78 9.46 0.31
C GLU A 183 -5.52 10.76 0.59
N PHE A 184 -5.58 11.62 -0.45
CA PHE A 184 -6.23 12.93 -0.39
C PHE A 184 -7.73 12.80 -0.14
N LYS A 185 -8.30 13.65 0.76
CA LYS A 185 -9.73 13.59 1.05
C LYS A 185 -10.52 13.95 -0.21
N ASP A 186 -10.27 15.15 -0.76
CA ASP A 186 -10.83 15.53 -2.05
C ASP A 186 -9.74 15.08 -3.01
N ARG A 187 -10.07 14.13 -3.90
CA ARG A 187 -9.09 13.56 -4.81
C ARG A 187 -8.43 14.56 -5.78
N ASP A 188 -9.07 15.72 -6.08
CA ASP A 188 -8.47 16.71 -7.00
C ASP A 188 -7.25 17.45 -6.41
N ASP A 189 -6.88 17.12 -5.15
CA ASP A 189 -5.70 17.62 -4.47
C ASP A 189 -4.44 16.96 -5.07
N PHE A 190 -4.62 15.82 -5.80
CA PHE A 190 -3.57 15.07 -6.51
C PHE A 190 -2.87 16.02 -7.45
N PHE A 191 -3.66 16.80 -8.21
CA PHE A 191 -3.16 17.78 -9.16
C PHE A 191 -2.39 18.91 -8.49
N LYS A 192 -2.91 19.41 -7.35
CA LYS A 192 -2.28 20.47 -6.55
C LYS A 192 -0.83 20.10 -6.22
N MET A 193 -0.58 18.83 -5.83
CA MET A 193 0.78 18.38 -5.52
C MET A 193 1.61 18.07 -6.78
N VAL A 194 0.95 17.63 -7.89
CA VAL A 194 1.65 17.33 -9.15
C VAL A 194 2.26 18.63 -9.70
N ILE A 195 1.43 19.71 -9.76
CA ILE A 195 1.87 21.05 -10.20
C ILE A 195 3.00 21.53 -9.28
N LEU A 196 2.87 21.33 -7.96
CA LEU A 196 3.89 21.70 -6.99
C LEU A 196 5.18 20.90 -7.13
N TRP A 197 5.09 19.63 -7.57
CA TRP A 197 6.27 18.79 -7.81
C TRP A 197 6.99 19.36 -9.02
N ARG A 198 6.21 19.68 -10.10
CA ARG A 198 6.73 20.28 -11.33
C ARG A 198 7.42 21.60 -11.00
N LYS A 199 6.70 22.50 -10.31
CA LYS A 199 7.18 23.82 -9.91
C LYS A 199 8.50 23.76 -9.14
N HIS A 200 8.70 22.69 -8.33
CA HIS A 200 9.93 22.49 -7.58
C HIS A 200 11.09 22.04 -8.47
N VAL A 201 10.94 20.92 -9.20
CA VAL A 201 11.98 20.35 -10.06
C VAL A 201 12.47 21.32 -11.16
N LEU A 202 11.64 22.32 -11.52
CA LEU A 202 11.96 23.33 -12.52
C LEU A 202 12.42 24.67 -11.90
N SER A 203 12.53 24.73 -10.56
CA SER A 203 12.94 25.93 -9.81
C SER A 203 13.69 25.55 -8.53
N CYS A 204 14.57 24.52 -8.60
CA CYS A 204 15.36 24.07 -7.45
C CYS A 204 16.81 23.95 -7.87
N ARG A 205 17.69 24.75 -7.20
CA ARG A 205 19.14 24.77 -7.46
C ARG A 205 19.73 23.36 -7.57
N ILE A 206 19.31 22.46 -6.67
CA ILE A 206 19.72 21.06 -6.60
C ILE A 206 19.11 20.21 -7.74
N CYS A 207 17.77 20.20 -7.86
CA CYS A 207 17.02 19.37 -8.80
C CYS A 207 17.23 19.72 -10.29
N THR A 208 17.21 21.02 -10.67
CA THR A 208 17.34 21.50 -12.06
C THR A 208 18.58 20.98 -12.82
N THR A 209 19.65 20.62 -12.10
CA THR A 209 20.92 20.12 -12.65
C THR A 209 20.81 18.70 -13.27
N TYR A 210 19.60 18.11 -13.27
CA TYR A 210 19.35 16.76 -13.81
C TYR A 210 18.40 16.77 -15.01
N GLY A 211 17.85 17.94 -15.32
CA GLY A 211 16.95 18.15 -16.44
C GLY A 211 15.61 17.48 -16.29
N THR A 212 15.06 17.03 -17.42
CA THR A 212 13.76 16.36 -17.52
C THR A 212 13.72 14.97 -16.89
N ASP A 213 14.88 14.28 -16.76
CA ASP A 213 14.99 12.92 -16.24
C ASP A 213 14.79 12.81 -14.72
N LEU A 214 13.61 13.26 -14.26
CA LEU A 214 13.13 13.25 -12.88
C LEU A 214 11.74 12.64 -12.86
N TYR A 215 11.53 11.69 -11.94
CA TYR A 215 10.30 10.91 -11.87
C TYR A 215 9.57 11.02 -10.54
N LEU A 216 8.22 11.00 -10.64
CA LEU A 216 7.27 11.05 -9.54
C LEU A 216 6.34 9.85 -9.72
N PHE A 217 6.41 8.89 -8.79
CA PHE A 217 5.58 7.69 -8.82
C PHE A 217 4.49 7.91 -7.76
N ALA A 218 3.29 8.27 -8.22
CA ALA A 218 2.15 8.61 -7.37
C ALA A 218 0.91 7.74 -7.54
N LYS A 219 0.20 7.52 -6.43
CA LYS A 219 -1.07 6.81 -6.35
C LYS A 219 -2.10 7.76 -6.96
N TYR A 220 -3.02 7.22 -7.77
CA TYR A 220 -4.03 8.02 -8.44
C TYR A 220 -5.37 7.29 -8.51
N HIS A 221 -6.48 8.00 -8.25
CA HIS A 221 -7.84 7.45 -8.37
C HIS A 221 -8.46 8.12 -9.59
N ALA A 222 -9.04 7.33 -10.51
CA ALA A 222 -9.64 7.92 -11.71
C ALA A 222 -11.04 8.50 -11.47
N LYS A 223 -11.09 9.70 -10.82
CA LYS A 223 -12.34 10.42 -10.51
C LYS A 223 -13.01 10.85 -11.81
N ASP A 224 -12.19 11.34 -12.77
CA ASP A 224 -12.63 11.80 -14.09
C ASP A 224 -11.85 11.08 -15.18
N CYS A 225 -12.56 10.66 -16.24
CA CYS A 225 -11.95 9.98 -17.38
C CYS A 225 -11.13 10.91 -18.27
N ASN A 226 -10.08 10.36 -18.91
CA ASN A 226 -9.17 11.01 -19.86
C ASN A 226 -8.81 12.49 -19.54
N VAL A 227 -8.48 12.78 -18.27
CA VAL A 227 -8.10 14.13 -17.82
C VAL A 227 -6.65 14.46 -18.22
N LYS A 228 -6.43 15.63 -18.84
CA LYS A 228 -5.07 16.02 -19.27
C LYS A 228 -4.23 16.51 -18.10
N LEU A 229 -3.02 15.93 -17.95
CA LEU A 229 -2.06 16.25 -16.87
C LEU A 229 -1.63 17.72 -16.95
N PRO A 230 -1.15 18.37 -15.85
CA PRO A 230 -0.70 19.77 -15.96
C PRO A 230 0.44 19.94 -16.98
N PHE A 231 0.62 21.18 -17.50
CA PHE A 231 1.64 21.51 -18.49
C PHE A 231 3.01 20.96 -18.13
N PHE A 232 3.63 20.28 -19.10
CA PHE A 232 4.95 19.68 -19.02
C PHE A 232 5.05 18.51 -18.00
N VAL A 233 3.91 17.84 -17.73
CA VAL A 233 3.88 16.66 -16.86
C VAL A 233 3.35 15.50 -17.74
N ARG A 234 4.20 14.47 -17.96
CA ARG A 234 3.87 13.32 -18.80
C ARG A 234 3.81 12.01 -18.01
N SER A 235 2.78 11.19 -18.31
CA SER A 235 2.56 9.85 -17.75
C SER A 235 3.30 8.83 -18.62
N VAL A 236 4.42 8.33 -18.08
CA VAL A 236 5.29 7.33 -18.71
C VAL A 236 4.54 5.99 -18.76
N ALA A 237 4.02 5.53 -17.61
CA ALA A 237 3.29 4.27 -17.50
C ALA A 237 2.27 4.31 -16.36
N THR A 238 1.18 3.55 -16.54
CA THR A 238 0.09 3.39 -15.57
C THR A 238 0.19 1.97 -15.01
N PHE A 239 0.29 1.85 -13.68
CA PHE A 239 0.46 0.57 -13.00
C PHE A 239 -0.78 0.15 -12.22
N ILE A 240 -1.31 -1.05 -12.51
CA ILE A 240 -2.49 -1.63 -11.86
C ILE A 240 -2.04 -2.80 -10.96
N MET A 241 -2.25 -2.68 -9.64
CA MET A 241 -1.81 -3.65 -8.63
C MET A 241 -2.83 -4.74 -8.32
N GLN A 242 -2.33 -5.96 -8.04
CA GLN A 242 -3.17 -7.10 -7.62
C GLN A 242 -3.68 -6.81 -6.21
N GLY A 243 -2.81 -6.23 -5.38
CA GLY A 243 -3.10 -5.86 -4.01
C GLY A 243 -3.97 -4.63 -3.84
N SER A 244 -4.47 -4.06 -4.95
CA SER A 244 -5.37 -2.91 -4.93
C SER A 244 -6.80 -3.39 -4.70
N LYS A 245 -7.60 -2.59 -3.97
CA LYS A 245 -9.02 -2.86 -3.70
C LYS A 245 -9.73 -3.03 -5.06
N LEU A 246 -10.36 -4.19 -5.28
CA LEU A 246 -11.02 -4.54 -6.53
C LEU A 246 -12.09 -3.54 -7.01
N SER A 247 -12.89 -2.99 -6.08
CA SER A 247 -14.00 -2.06 -6.36
C SER A 247 -13.61 -0.62 -6.75
N GLY A 248 -12.39 -0.19 -6.42
CA GLY A 248 -11.96 1.17 -6.74
C GLY A 248 -11.45 1.35 -8.16
N SER A 249 -10.67 2.44 -8.35
CA SER A 249 -9.99 2.80 -9.60
C SER A 249 -8.59 3.33 -9.27
N GLU A 250 -7.99 2.77 -8.20
CA GLU A 250 -6.66 3.09 -7.68
C GLU A 250 -5.59 2.47 -8.59
N CYS A 251 -4.62 3.29 -8.98
CA CYS A 251 -3.48 2.89 -9.83
C CYS A 251 -2.26 3.74 -9.46
N TYR A 252 -1.07 3.31 -9.87
CA TYR A 252 0.15 4.07 -9.58
C TYR A 252 0.69 4.54 -10.90
N ILE A 253 0.87 5.85 -11.04
CA ILE A 253 1.31 6.38 -12.33
C ILE A 253 2.68 7.05 -12.23
N LEU A 254 3.60 6.64 -13.14
CA LEU A 254 4.95 7.16 -13.24
C LEU A 254 4.91 8.42 -14.09
N LEU A 255 5.18 9.55 -13.44
CA LEU A 255 5.14 10.88 -14.01
C LEU A 255 6.54 11.46 -14.19
N THR A 256 6.78 12.09 -15.34
CA THR A 256 8.04 12.74 -15.65
C THR A 256 7.76 14.11 -16.29
N LEU A 257 8.81 14.89 -16.55
CA LEU A 257 8.66 16.18 -17.22
C LEU A 257 8.73 15.93 -18.71
N GLY A 258 7.65 16.27 -19.40
CA GLY A 258 7.49 16.08 -20.84
C GLY A 258 6.14 16.55 -21.33
N HIS A 259 5.92 16.55 -22.66
CA HIS A 259 4.64 16.99 -23.24
C HIS A 259 3.48 16.32 -22.51
N HIS A 260 2.56 17.14 -21.96
CA HIS A 260 1.44 16.66 -21.15
C HIS A 260 0.46 15.76 -21.91
N ASN A 261 0.12 14.60 -21.30
CA ASN A 261 -0.79 13.61 -21.85
C ASN A 261 -1.95 13.34 -20.91
N ASN A 262 -2.95 12.55 -21.35
CA ASN A 262 -4.13 12.24 -20.56
C ASN A 262 -3.91 11.11 -19.53
N LEU A 263 -4.59 11.22 -18.40
CA LEU A 263 -4.55 10.24 -17.31
C LEU A 263 -5.55 9.12 -17.60
N PRO A 264 -5.43 7.92 -16.96
CA PRO A 264 -6.40 6.84 -17.23
C PRO A 264 -7.83 7.12 -16.75
N CYS A 265 -8.72 6.14 -16.92
CA CYS A 265 -10.13 6.23 -16.57
C CYS A 265 -10.59 5.00 -15.81
N HIS A 266 -11.71 5.13 -15.07
CA HIS A 266 -12.29 4.06 -14.25
C HIS A 266 -12.44 2.74 -15.01
N GLY A 267 -12.95 2.81 -16.24
CA GLY A 267 -13.17 1.65 -17.10
C GLY A 267 -11.93 0.86 -17.41
N GLU A 268 -10.90 1.54 -17.96
CA GLU A 268 -9.61 0.96 -18.34
C GLU A 268 -8.97 0.22 -17.18
N ILE A 269 -8.89 0.87 -16.00
CA ILE A 269 -8.31 0.32 -14.78
C ILE A 269 -9.13 -0.90 -14.30
N GLN A 270 -10.48 -0.79 -14.30
CA GLN A 270 -11.38 -1.84 -13.85
C GLN A 270 -11.22 -3.14 -14.62
N ASN A 271 -11.06 -3.08 -15.95
CA ASN A 271 -10.88 -4.31 -16.72
C ASN A 271 -9.49 -4.92 -16.45
N SER A 272 -8.45 -4.08 -16.27
CA SER A 272 -7.11 -4.53 -15.96
C SER A 272 -7.09 -5.19 -14.57
N LYS A 273 -7.79 -4.56 -13.59
CA LYS A 273 -7.94 -5.04 -12.21
C LYS A 273 -8.67 -6.39 -12.20
N MET A 274 -9.73 -6.52 -13.03
CA MET A 274 -10.53 -7.74 -13.14
C MET A 274 -9.75 -8.89 -13.81
N LYS A 275 -9.01 -8.58 -14.90
CA LYS A 275 -8.16 -9.53 -15.63
C LYS A 275 -7.16 -10.21 -14.69
N ILE A 276 -6.60 -9.42 -13.74
CA ILE A 276 -5.64 -9.87 -12.74
C ILE A 276 -6.31 -10.90 -11.80
N ALA A 277 -7.46 -10.52 -11.20
CA ALA A 277 -8.26 -11.30 -10.26
C ALA A 277 -8.63 -12.71 -10.73
N VAL A 278 -8.92 -12.85 -12.04
CA VAL A 278 -9.29 -14.12 -12.65
C VAL A 278 -8.06 -15.04 -12.80
N ALA A 279 -7.05 -14.59 -13.57
CA ALA A 279 -5.84 -15.35 -13.87
C ALA A 279 -4.87 -15.54 -12.69
N ASN A 280 -4.36 -14.44 -12.13
CA ASN A 280 -3.37 -14.44 -11.06
C ASN A 280 -3.91 -14.81 -9.69
N ASP A 281 -3.06 -15.47 -8.88
CA ASP A 281 -3.36 -15.86 -7.49
C ASP A 281 -2.47 -15.04 -6.59
N PHE A 282 -2.93 -14.78 -5.36
CA PHE A 282 -2.17 -14.00 -4.37
C PHE A 282 -1.01 -14.82 -3.85
N TYR A 283 0.21 -14.27 -3.95
CA TYR A 283 1.40 -14.93 -3.43
C TYR A 283 1.49 -14.60 -1.94
N ALA A 284 1.82 -15.61 -1.12
CA ALA A 284 1.97 -15.46 0.32
C ALA A 284 3.44 -15.35 0.66
N ALA A 285 3.77 -14.58 1.71
CA ALA A 285 5.15 -14.39 2.15
C ALA A 285 5.78 -15.73 2.49
N LYS A 286 7.00 -16.00 1.99
CA LYS A 286 7.74 -17.25 2.20
C LYS A 286 7.90 -17.59 3.68
N LYS A 287 8.30 -16.61 4.51
CA LYS A 287 8.48 -16.75 5.97
C LYS A 287 7.40 -15.94 6.67
N LEU A 288 6.90 -16.42 7.83
CA LEU A 288 5.86 -15.66 8.55
C LEU A 288 6.31 -15.23 9.96
N ASP A 289 6.20 -13.91 10.24
CA ASP A 289 6.56 -13.28 11.52
C ASP A 289 5.47 -13.53 12.54
N ASN A 290 5.71 -14.47 13.48
CA ASN A 290 4.80 -14.88 14.56
C ASN A 290 4.41 -13.70 15.48
N LYS A 291 5.37 -12.79 15.76
CA LYS A 291 5.16 -11.59 16.58
C LYS A 291 4.10 -10.65 15.93
N SER A 292 4.13 -10.56 14.57
CA SER A 292 3.19 -9.77 13.78
C SER A 292 1.82 -10.43 13.71
N ILE A 293 1.79 -11.77 13.45
CA ILE A 293 0.55 -12.58 13.39
C ILE A 293 -0.21 -12.36 14.70
N GLU A 294 0.50 -12.56 15.83
CA GLU A 294 -0.06 -12.39 17.16
C GLU A 294 -0.46 -10.93 17.44
N ALA A 295 0.24 -9.95 16.84
CA ALA A 295 -0.08 -8.53 17.04
C ALA A 295 -1.44 -8.20 16.45
N ASN A 296 -1.68 -8.63 15.19
CA ASN A 296 -2.93 -8.43 14.46
C ASN A 296 -4.09 -9.17 15.10
N CYS A 297 -3.82 -10.37 15.66
CA CYS A 297 -4.81 -11.17 16.38
C CYS A 297 -5.33 -10.38 17.57
N LYS A 298 -4.42 -9.97 18.49
CA LYS A 298 -4.75 -9.16 19.65
C LYS A 298 -5.44 -7.87 19.25
N SER A 299 -5.02 -7.27 18.12
CA SER A 299 -5.54 -6.01 17.57
C SER A 299 -7.02 -6.05 17.17
N LEU A 300 -7.50 -7.11 16.48
CA LEU A 300 -8.93 -7.15 16.13
C LEU A 300 -9.79 -7.48 17.33
N LEU A 301 -9.35 -8.45 18.15
CA LEU A 301 -10.01 -8.93 19.36
C LEU A 301 -9.00 -9.69 20.21
N SER A 302 -9.08 -9.54 21.55
CA SER A 302 -8.16 -10.21 22.48
C SER A 302 -8.46 -11.75 22.70
N GLY A 303 -8.38 -12.54 21.62
CA GLY A 303 -8.65 -13.97 21.62
C GLY A 303 -7.83 -14.78 20.62
N LEU A 304 -7.50 -16.03 21.02
CA LEU A 304 -6.68 -17.10 20.39
C LEU A 304 -7.20 -17.69 19.08
N ARG A 305 -6.26 -18.09 18.20
CA ARG A 305 -6.50 -18.77 16.92
C ARG A 305 -6.09 -20.25 17.10
N ILE A 306 -6.89 -21.18 16.55
CA ILE A 306 -6.74 -22.63 16.76
C ILE A 306 -6.30 -23.46 15.53
N PRO A 307 -5.36 -24.45 15.69
CA PRO A 307 -5.07 -25.36 14.56
C PRO A 307 -6.13 -26.47 14.51
N ILE A 308 -6.61 -26.83 13.30
CA ILE A 308 -7.64 -27.89 13.11
C ILE A 308 -7.11 -29.28 13.50
N ASN A 309 -7.88 -29.99 14.35
CA ASN A 309 -7.57 -31.33 14.89
C ASN A 309 -7.86 -32.50 13.92
N LYS A 310 -8.31 -32.19 12.67
CA LYS A 310 -8.67 -33.15 11.60
C LYS A 310 -7.65 -34.29 11.42
N LYS A 311 -6.34 -33.95 11.34
CA LYS A 311 -5.21 -34.88 11.17
C LYS A 311 -5.37 -35.79 9.91
N GLU A 312 -5.52 -35.14 8.73
CA GLU A 312 -5.72 -35.76 7.41
C GLU A 312 -4.56 -36.65 6.97
N GLU A 339 -21.41 -21.22 27.21
CA GLU A 339 -21.74 -20.72 25.87
C GLU A 339 -20.95 -19.43 25.51
N SER A 340 -21.04 -19.03 24.21
CA SER A 340 -20.39 -17.84 23.62
C SER A 340 -21.13 -16.55 24.01
N LYS A 341 -22.09 -16.65 24.94
CA LYS A 341 -22.91 -15.57 25.50
C LYS A 341 -22.04 -14.51 26.19
N TRP A 342 -20.82 -14.91 26.61
CA TRP A 342 -19.84 -14.08 27.29
C TRP A 342 -19.16 -13.04 26.41
N LEU A 343 -19.27 -13.16 25.08
CA LEU A 343 -18.67 -12.23 24.13
C LEU A 343 -19.70 -11.23 23.58
N THR A 344 -19.23 -10.02 23.23
CA THR A 344 -20.07 -8.97 22.65
C THR A 344 -20.47 -9.32 21.21
N ASN A 345 -21.51 -8.65 20.66
CA ASN A 345 -21.99 -8.86 19.29
C ASN A 345 -20.86 -8.77 18.25
N LYS A 346 -19.95 -7.77 18.41
CA LYS A 346 -18.79 -7.57 17.53
C LYS A 346 -17.81 -8.74 17.67
N ALA A 347 -17.48 -9.11 18.92
CA ALA A 347 -16.55 -10.22 19.23
C ALA A 347 -17.08 -11.54 18.72
N ASN A 348 -18.42 -11.70 18.71
CA ASN A 348 -19.06 -12.91 18.22
C ASN A 348 -18.98 -12.99 16.72
N THR A 349 -19.37 -11.91 15.99
CA THR A 349 -19.28 -11.85 14.53
C THR A 349 -17.85 -12.12 14.04
N ILE A 350 -16.82 -11.62 14.79
CA ILE A 350 -15.40 -11.84 14.49
C ILE A 350 -15.06 -13.34 14.56
N ILE A 351 -15.35 -13.98 15.72
CA ILE A 351 -15.08 -15.39 15.97
C ILE A 351 -15.86 -16.30 15.02
N ASP A 352 -17.15 -15.97 14.76
CA ASP A 352 -18.03 -16.74 13.88
C ASP A 352 -17.54 -16.75 12.43
N TRP A 353 -16.94 -15.65 11.96
CA TRP A 353 -16.36 -15.57 10.61
C TRP A 353 -15.14 -16.46 10.57
N LEU A 354 -14.24 -16.30 11.56
CA LEU A 354 -13.00 -17.07 11.67
C LEU A 354 -13.27 -18.56 11.89
N GLU A 355 -14.44 -18.90 12.46
CA GLU A 355 -14.86 -20.28 12.66
C GLU A 355 -15.22 -20.85 11.30
N HIS A 356 -15.92 -20.05 10.45
CA HIS A 356 -16.31 -20.43 9.09
C HIS A 356 -15.08 -20.70 8.25
N ILE A 357 -14.01 -19.90 8.42
CA ILE A 357 -12.73 -20.04 7.73
C ILE A 357 -12.03 -21.33 8.18
N LEU A 358 -12.09 -21.63 9.49
CA LEU A 358 -11.51 -22.83 10.08
C LEU A 358 -12.18 -24.09 9.50
N ASN A 359 -13.54 -24.13 9.54
CA ASN A 359 -14.39 -25.22 9.04
C ASN A 359 -14.29 -25.39 7.53
N SER A 360 -13.96 -24.31 6.79
CA SER A 360 -13.81 -24.32 5.33
C SER A 360 -12.55 -25.06 4.89
N PRO A 361 -12.58 -25.80 3.75
CA PRO A 361 -11.36 -26.52 3.32
C PRO A 361 -10.30 -25.59 2.73
N LYS A 362 -9.11 -26.15 2.44
CA LYS A 362 -8.01 -25.40 1.84
C LYS A 362 -8.28 -25.17 0.36
N GLY A 363 -7.92 -23.98 -0.11
CA GLY A 363 -8.05 -23.56 -1.50
C GLY A 363 -7.02 -22.53 -1.89
N GLU A 364 -6.83 -22.34 -3.21
CA GLU A 364 -5.91 -21.37 -3.81
C GLU A 364 -6.28 -19.94 -3.37
N LEU A 365 -5.29 -19.11 -3.05
CA LEU A 365 -5.53 -17.75 -2.61
C LEU A 365 -5.86 -16.82 -3.79
N ASN A 366 -7.08 -16.93 -4.33
CA ASN A 366 -7.57 -16.10 -5.45
C ASN A 366 -9.05 -15.75 -5.26
N TYR A 367 -9.53 -14.68 -5.94
CA TYR A 367 -10.90 -14.18 -5.80
C TYR A 367 -11.99 -15.24 -6.12
N ASP A 368 -11.66 -16.34 -6.83
CA ASP A 368 -12.58 -17.46 -7.12
C ASP A 368 -12.91 -18.16 -5.81
N PHE A 369 -11.88 -18.50 -5.02
CA PHE A 369 -12.00 -19.15 -3.72
C PHE A 369 -12.56 -18.19 -2.67
N PHE A 370 -12.19 -16.90 -2.76
CA PHE A 370 -12.65 -15.87 -1.83
C PHE A 370 -14.14 -15.64 -1.99
N GLU A 371 -14.64 -15.62 -3.25
CA GLU A 371 -16.07 -15.44 -3.54
C GLU A 371 -16.84 -16.59 -2.94
N ALA A 372 -16.28 -17.81 -3.05
CA ALA A 372 -16.85 -19.05 -2.52
C ALA A 372 -16.98 -18.99 -1.00
N LEU A 373 -15.95 -18.46 -0.30
CA LEU A 373 -15.96 -18.32 1.17
C LEU A 373 -17.03 -17.33 1.63
N GLU A 374 -17.30 -16.27 0.83
CA GLU A 374 -18.34 -15.29 1.11
C GLU A 374 -19.74 -15.88 0.87
N ASN A 375 -19.91 -16.63 -0.24
CA ASN A 375 -21.19 -17.25 -0.59
C ASN A 375 -21.57 -18.46 0.28
N THR A 376 -20.58 -19.06 0.98
CA THR A 376 -20.81 -20.20 1.89
C THR A 376 -21.03 -19.74 3.34
N TYR A 377 -21.10 -18.41 3.56
CA TYR A 377 -21.29 -17.83 4.88
C TYR A 377 -22.63 -17.06 5.03
N PRO A 378 -23.57 -17.53 5.90
CA PRO A 378 -24.78 -16.74 6.14
C PRO A 378 -24.44 -15.55 7.05
N ASN A 379 -25.25 -14.48 7.05
CA ASN A 379 -25.00 -13.26 7.86
C ASN A 379 -23.74 -12.53 7.35
N MET A 380 -23.57 -12.49 6.02
CA MET A 380 -22.44 -11.82 5.39
C MET A 380 -22.66 -10.32 5.50
N ILE A 381 -23.93 -9.88 5.37
CA ILE A 381 -24.29 -8.47 5.46
C ILE A 381 -24.28 -8.00 6.92
N LYS A 382 -24.59 -8.91 7.86
CA LYS A 382 -24.57 -8.62 9.29
C LYS A 382 -23.11 -8.32 9.66
N LEU A 383 -22.17 -9.08 9.05
CA LEU A 383 -20.73 -8.96 9.23
C LEU A 383 -20.19 -7.58 8.79
N ILE A 384 -20.38 -7.22 7.50
CA ILE A 384 -19.89 -5.96 6.90
C ILE A 384 -20.50 -4.69 7.55
N ASP A 385 -21.67 -4.82 8.16
CA ASP A 385 -22.34 -3.72 8.85
C ASP A 385 -21.76 -3.55 10.26
N ASN A 386 -21.69 -4.66 11.04
CA ASN A 386 -21.23 -4.66 12.42
C ASN A 386 -19.73 -4.40 12.60
N LEU A 387 -18.92 -4.57 11.54
CA LEU A 387 -17.47 -4.33 11.64
C LEU A 387 -16.97 -3.22 10.72
N GLY A 388 -16.37 -2.19 11.32
CA GLY A 388 -15.81 -1.03 10.62
C GLY A 388 -14.74 -1.40 9.62
N ASN A 389 -14.41 -0.47 8.69
CA ASN A 389 -13.42 -0.69 7.64
C ASN A 389 -12.04 -1.10 8.16
N ALA A 390 -11.63 -0.55 9.32
CA ALA A 390 -10.37 -0.89 9.96
C ALA A 390 -10.40 -2.33 10.50
N GLU A 391 -11.53 -2.75 11.12
CA GLU A 391 -11.73 -4.09 11.67
C GLU A 391 -11.78 -5.17 10.59
N ILE A 392 -12.53 -4.94 9.48
CA ILE A 392 -12.62 -5.93 8.39
C ILE A 392 -11.26 -6.13 7.72
N LYS A 393 -10.45 -5.06 7.60
CA LYS A 393 -9.11 -5.13 7.03
C LYS A 393 -8.22 -5.99 7.93
N LYS A 394 -8.29 -5.77 9.26
CA LYS A 394 -7.59 -6.55 10.30
C LYS A 394 -8.04 -8.02 10.22
N LEU A 395 -9.36 -8.22 10.05
CA LEU A 395 -10.01 -9.52 9.94
C LEU A 395 -9.40 -10.34 8.83
N ILE A 396 -9.26 -9.77 7.61
CA ILE A 396 -8.71 -10.43 6.44
C ILE A 396 -7.23 -10.81 6.66
N LYS A 397 -6.43 -9.95 7.34
CA LYS A 397 -5.03 -10.27 7.65
C LYS A 397 -4.97 -11.58 8.44
N VAL A 398 -5.82 -11.70 9.49
CA VAL A 398 -5.95 -12.89 10.35
C VAL A 398 -6.56 -14.07 9.57
N THR A 399 -7.51 -13.79 8.64
CA THR A 399 -8.16 -14.79 7.79
C THR A 399 -7.14 -15.43 6.84
N GLY A 400 -6.35 -14.58 6.18
CA GLY A 400 -5.28 -14.97 5.25
C GLY A 400 -4.24 -15.83 5.91
N TYR A 401 -3.87 -15.50 7.18
CA TYR A 401 -2.92 -16.29 7.94
C TYR A 401 -3.49 -17.70 8.15
N MET A 402 -4.77 -17.79 8.56
CA MET A 402 -5.50 -19.04 8.78
C MET A 402 -5.50 -19.89 7.52
N LEU A 403 -5.82 -19.27 6.36
CA LEU A 403 -5.87 -19.92 5.04
C LEU A 403 -4.49 -20.41 4.60
N VAL A 404 -3.41 -19.66 4.94
CA VAL A 404 -2.03 -20.03 4.60
C VAL A 404 -1.57 -21.21 5.48
N SER A 405 -1.88 -21.15 6.79
CA SER A 405 -1.54 -22.18 7.78
C SER A 405 -2.44 -23.46 7.72
N LYS A 406 -3.47 -23.48 6.85
CA LYS A 406 -4.35 -24.64 6.66
C LYS A 406 -3.65 -25.73 5.85
N LYS A 407 -3.77 -27.00 6.31
CA LYS A 407 -3.27 -28.24 5.71
C LYS A 407 -1.84 -28.12 5.13
S SO4 B . -5.44 -0.86 0.43
O1 SO4 B . -5.50 -0.32 -0.92
O2 SO4 B . -4.24 -0.40 1.16
O3 SO4 B . -5.42 -2.31 0.35
O4 SO4 B . -6.65 -0.44 1.17
ZN ZN C . 14.96 20.06 -5.21
N SAH D . 2.32 4.02 1.51
CA SAH D . 2.10 4.18 2.96
CB SAH D . 0.65 4.39 3.46
CG SAH D . 0.19 5.80 3.17
SD SAH D . -1.56 5.86 3.68
C SAH D . 2.76 3.01 3.72
O SAH D . 3.11 3.09 4.87
OXT SAH D . 2.89 1.93 3.01
C5' SAH D . -2.11 7.50 3.14
C4' SAH D . -1.42 8.58 3.96
O4' SAH D . -1.51 9.77 3.17
C3' SAH D . -2.09 8.92 5.29
O3' SAH D . -1.51 8.20 6.38
C2' SAH D . -1.88 10.46 5.41
O2' SAH D . -0.99 10.80 6.47
C1' SAH D . -1.29 10.85 4.04
N9 SAH D . -1.85 12.05 3.43
C8 SAH D . -3.16 12.29 3.10
N7 SAH D . -3.37 13.45 2.54
C5 SAH D . -2.11 14.03 2.49
C6 SAH D . -1.65 15.27 2.00
N6 SAH D . -2.46 16.20 1.49
N1 SAH D . -0.32 15.52 2.08
C2 SAH D . 0.48 14.60 2.62
N3 SAH D . 0.15 13.41 3.14
C4 SAH D . -1.17 13.17 3.03
#